data_3ZV5
#
_entry.id   3ZV5
#
_cell.length_a   75.394
_cell.length_b   75.394
_cell.length_c   173.567
_cell.angle_alpha   90.00
_cell.angle_beta   90.00
_cell.angle_gamma   90.00
#
_symmetry.space_group_name_H-M   'P 43 21 2'
#
loop_
_entity.id
_entity.type
_entity.pdbx_description
1 polymer 'CIS-2,3-DIHYDROBIPHENYL-2,3-DIOL DEHYDROGENASE'
2 non-polymer NICOTINAMIDE-ADENINE-DINUCLEOTIDE
3 non-polymer BIPHENYL-2,3-DIOL
4 water water
#
_entity_poly.entity_id   1
_entity_poly.type   'polypeptide(L)'
_entity_poly.pdbx_seq_one_letter_code
;MKLTGEVALITGGASGLGRALVDRFVAEGARVAVLDKSAERLRELEVAHGGNAVGVVGDVRSLQDQKRAAERCLAAFGKI
DTLIPNAGIWDYSTALADLPEDKIDAAFDDIFHVNVKGYIHAVKACLPALVSSRGSVVFTISNAGFYPNGGGPLYTATKH
AVVGLVRQMAFELAPHVRVNGVAPGGMNTDLRGPSSLGLSEQSISSVPLADMLKSVLPIGRMPALEEYTGAYVFFATRGD
SLPATGALLNYDGGMGVRGFLTAAGGADLPEKLNINREGQE
;
_entity_poly.pdbx_strand_id   A,B
#
loop_
_chem_comp.id
_chem_comp.type
_chem_comp.name
_chem_comp.formula
BPY non-polymer BIPHENYL-2,3-DIOL 'C12 H10 O2'
NAD non-polymer NICOTINAMIDE-ADENINE-DINUCLEOTIDE 'C21 H27 N7 O14 P2'
#
# COMPACT_ATOMS: atom_id res chain seq x y z
N MET A 1 19.74 -1.38 -5.44
CA MET A 1 18.55 -1.74 -6.27
C MET A 1 17.60 -2.62 -5.44
N LYS A 2 16.37 -2.14 -5.23
CA LYS A 2 15.34 -2.93 -4.54
C LYS A 2 15.16 -4.31 -5.20
N LEU A 3 15.43 -4.40 -6.50
CA LEU A 3 14.87 -5.46 -7.36
C LEU A 3 15.84 -6.30 -8.22
N THR A 4 17.10 -6.37 -7.83
CA THR A 4 18.12 -7.02 -8.67
C THR A 4 17.74 -8.46 -8.98
N GLY A 5 17.85 -8.86 -10.24
CA GLY A 5 17.56 -10.22 -10.64
C GLY A 5 16.09 -10.59 -10.72
N GLU A 6 15.20 -9.65 -10.42
CA GLU A 6 13.78 -9.95 -10.51
C GLU A 6 13.33 -9.78 -11.96
N VAL A 7 12.26 -10.47 -12.32
CA VAL A 7 11.72 -10.47 -13.67
C VAL A 7 10.23 -10.09 -13.65
N ALA A 8 9.90 -9.00 -14.34
CA ALA A 8 8.50 -8.54 -14.41
C ALA A 8 7.90 -8.75 -15.79
N LEU A 9 6.60 -9.01 -15.83
CA LEU A 9 5.84 -8.92 -17.08
C LEU A 9 4.73 -7.86 -16.89
N ILE A 10 4.72 -6.84 -17.75
CA ILE A 10 3.84 -5.70 -17.58
C ILE A 10 3.06 -5.56 -18.87
N THR A 11 1.74 -5.47 -18.77
CA THR A 11 0.98 -5.25 -19.99
C THR A 11 0.63 -3.77 -20.04
N GLY A 12 0.49 -3.23 -21.26
CA GLY A 12 0.41 -1.78 -21.48
C GLY A 12 1.65 -0.97 -21.08
N GLY A 13 2.84 -1.57 -21.18
CA GLY A 13 4.07 -0.91 -20.76
C GLY A 13 4.88 -0.08 -21.78
N ALA A 14 4.32 0.16 -22.95
CA ALA A 14 5.01 0.92 -23.99
C ALA A 14 4.62 2.39 -23.97
N SER A 15 3.60 2.74 -23.18
CA SER A 15 3.23 4.16 -22.93
C SER A 15 2.88 4.45 -21.47
N GLY A 16 2.73 5.73 -21.14
CA GLY A 16 2.16 6.15 -19.85
C GLY A 16 2.79 5.48 -18.65
N LEU A 17 1.96 5.13 -17.68
CA LEU A 17 2.44 4.52 -16.42
C LEU A 17 3.24 3.26 -16.66
N GLY A 18 2.85 2.46 -17.65
CA GLY A 18 3.46 1.13 -17.92
C GLY A 18 4.89 1.28 -18.37
N ARG A 19 5.15 2.35 -19.12
CA ARG A 19 6.48 2.74 -19.55
C ARG A 19 7.37 3.23 -18.38
N ALA A 20 6.93 4.28 -17.69
CA ALA A 20 7.59 4.72 -16.42
C ALA A 20 7.93 3.51 -15.52
N LEU A 21 6.95 2.61 -15.38
CA LEU A 21 7.14 1.33 -14.66
C LEU A 21 8.33 0.52 -15.17
N VAL A 22 8.37 0.35 -16.49
CA VAL A 22 9.46 -0.36 -17.17
C VAL A 22 10.76 0.32 -16.86
N ASP A 23 10.83 1.64 -17.12
CA ASP A 23 12.02 2.44 -16.78
C ASP A 23 12.46 2.28 -15.33
N ARG A 24 11.51 2.36 -14.42
CA ARG A 24 11.77 2.24 -13.01
C ARG A 24 12.29 0.87 -12.67
N PHE A 25 11.61 -0.15 -13.16
CA PHE A 25 11.95 -1.50 -12.85
C PHE A 25 13.35 -1.88 -13.32
N VAL A 26 13.74 -1.42 -14.52
CA VAL A 26 15.08 -1.67 -15.01
C VAL A 26 16.14 -0.96 -14.14
N ALA A 27 15.85 0.29 -13.75
CA ALA A 27 16.75 1.09 -12.89
C ALA A 27 16.98 0.42 -11.52
N GLU A 28 16.05 -0.48 -11.17
CA GLU A 28 16.03 -1.21 -9.92
C GLU A 28 16.62 -2.60 -10.01
N GLY A 29 17.29 -2.91 -11.13
CA GLY A 29 17.90 -4.23 -11.39
C GLY A 29 17.06 -5.31 -12.07
N ALA A 30 15.76 -5.05 -12.28
CA ALA A 30 14.85 -6.03 -12.90
C ALA A 30 15.00 -6.12 -14.43
N ARG A 31 14.52 -7.22 -14.98
CA ARG A 31 14.39 -7.39 -16.43
C ARG A 31 12.91 -7.44 -16.73
N VAL A 32 12.49 -6.76 -17.80
CA VAL A 32 11.05 -6.59 -18.03
C VAL A 32 10.52 -7.03 -19.41
N ALA A 33 9.48 -7.87 -19.37
CA ALA A 33 8.70 -8.17 -20.55
C ALA A 33 7.46 -7.31 -20.59
N VAL A 34 7.19 -6.83 -21.79
CA VAL A 34 6.05 -5.94 -22.03
C VAL A 34 5.20 -6.56 -23.13
N LEU A 35 3.91 -6.72 -22.83
CA LEU A 35 2.93 -6.99 -23.85
C LEU A 35 2.23 -5.67 -24.11
N ASP A 36 2.28 -5.21 -25.36
CA ASP A 36 1.57 -3.98 -25.78
C ASP A 36 1.17 -4.14 -27.24
N LYS A 37 0.17 -3.38 -27.68
CA LYS A 37 -0.22 -3.39 -29.07
C LYS A 37 0.63 -2.45 -29.90
N SER A 38 1.37 -1.56 -29.23
CA SER A 38 2.13 -0.54 -29.96
C SER A 38 3.53 -1.00 -30.39
N ALA A 39 3.64 -1.38 -31.67
CA ALA A 39 4.88 -1.85 -32.29
C ALA A 39 6.05 -0.90 -32.09
N GLU A 40 5.94 0.31 -32.63
CA GLU A 40 7.06 1.27 -32.57
C GLU A 40 7.55 1.68 -31.20
N ARG A 41 6.61 1.90 -30.28
CA ARG A 41 6.89 2.23 -28.88
C ARG A 41 7.49 1.04 -28.10
N LEU A 42 7.12 -0.20 -28.47
CA LEU A 42 7.79 -1.39 -27.91
C LEU A 42 9.25 -1.51 -28.31
N ARG A 43 9.55 -1.14 -29.55
CA ARG A 43 10.93 -1.14 -30.02
C ARG A 43 11.74 0.01 -29.40
N GLU A 44 11.08 1.16 -29.21
CA GLU A 44 11.66 2.35 -28.54
C GLU A 44 12.11 2.01 -27.13
N LEU A 45 11.26 1.32 -26.38
CA LEU A 45 11.59 0.84 -25.02
C LEU A 45 12.69 -0.25 -24.99
N GLU A 46 12.79 -1.02 -26.06
CA GLU A 46 13.80 -2.06 -26.17
C GLU A 46 15.19 -1.43 -26.38
N VAL A 47 15.28 -0.42 -27.26
CA VAL A 47 16.56 0.21 -27.56
C VAL A 47 17.03 1.13 -26.42
N ALA A 48 16.10 1.51 -25.55
CA ALA A 48 16.44 2.35 -24.39
C ALA A 48 17.08 1.50 -23.30
N HIS A 49 16.72 0.22 -23.23
CA HIS A 49 17.09 -0.61 -22.09
C HIS A 49 17.99 -1.81 -22.36
N GLY A 50 18.49 -1.96 -23.58
CA GLY A 50 19.58 -2.87 -23.94
C GLY A 50 19.68 -4.30 -23.40
N GLY A 51 18.68 -5.13 -23.64
CA GLY A 51 18.69 -6.50 -23.12
C GLY A 51 17.93 -6.79 -21.83
N ASN A 52 17.62 -5.73 -21.06
CA ASN A 52 16.91 -5.82 -19.77
C ASN A 52 15.44 -5.70 -20.00
N ALA A 53 15.10 -5.57 -21.28
CA ALA A 53 13.73 -5.37 -21.74
C ALA A 53 13.39 -6.06 -23.06
N VAL A 54 12.33 -6.85 -22.99
CA VAL A 54 11.81 -7.59 -24.13
C VAL A 54 10.38 -7.11 -24.42
N GLY A 55 10.07 -6.93 -25.69
CA GLY A 55 8.78 -6.33 -26.00
C GLY A 55 8.04 -7.25 -26.92
N VAL A 56 6.81 -7.58 -26.58
CA VAL A 56 5.99 -8.43 -27.46
C VAL A 56 4.71 -7.76 -27.94
N VAL A 57 4.64 -7.54 -29.26
CA VAL A 57 3.46 -6.96 -29.90
C VAL A 57 2.31 -7.96 -29.76
N GLY A 58 1.18 -7.46 -29.33
CA GLY A 58 0.02 -8.31 -29.21
C GLY A 58 -1.05 -7.64 -28.39
N ASP A 59 -2.23 -8.27 -28.41
CA ASP A 59 -3.42 -7.78 -27.73
C ASP A 59 -3.72 -8.50 -26.42
N VAL A 60 -3.97 -7.70 -25.38
CA VAL A 60 -4.34 -8.22 -24.04
C VAL A 60 -5.65 -9.06 -24.02
N ARG A 61 -6.54 -8.80 -25.00
CA ARG A 61 -7.83 -9.53 -25.19
C ARG A 61 -7.71 -10.95 -25.75
N SER A 62 -6.55 -11.25 -26.34
CA SER A 62 -6.25 -12.59 -26.85
C SER A 62 -5.43 -13.29 -25.81
N LEU A 63 -5.97 -14.35 -25.23
CA LEU A 63 -5.21 -15.26 -24.41
C LEU A 63 -3.91 -15.71 -25.09
N GLN A 64 -3.99 -15.96 -26.39
CA GLN A 64 -2.86 -16.49 -27.11
C GLN A 64 -1.66 -15.53 -27.10
N ASP A 65 -1.87 -14.25 -27.44
CA ASP A 65 -0.80 -13.26 -27.43
C ASP A 65 -0.21 -13.20 -26.04
N GLN A 66 -1.13 -13.25 -25.06
CA GLN A 66 -0.76 -13.18 -23.65
C GLN A 66 0.15 -14.37 -23.29
N LYS A 67 -0.28 -15.56 -23.72
CA LYS A 67 0.53 -16.78 -23.60
C LYS A 67 1.86 -16.61 -24.28
N ARG A 68 1.84 -16.02 -25.48
CA ARG A 68 3.07 -15.72 -26.22
C ARG A 68 4.00 -14.81 -25.37
N ALA A 69 3.43 -13.73 -24.82
CA ALA A 69 4.20 -12.84 -23.98
C ALA A 69 4.87 -13.59 -22.83
N ALA A 70 4.13 -14.46 -22.12
CA ALA A 70 4.68 -15.30 -21.07
C ALA A 70 5.85 -16.13 -21.59
N GLU A 71 5.64 -16.79 -22.74
CA GLU A 71 6.60 -17.71 -23.34
C GLU A 71 7.86 -16.97 -23.69
N ARG A 72 7.73 -15.86 -24.39
CA ARG A 72 8.87 -15.00 -24.75
C ARG A 72 9.62 -14.57 -23.49
N CYS A 73 8.90 -14.15 -22.44
CA CYS A 73 9.52 -13.76 -21.16
C CYS A 73 10.35 -14.89 -20.56
N LEU A 74 9.76 -16.07 -20.49
CA LEU A 74 10.48 -17.26 -20.04
C LEU A 74 11.70 -17.54 -20.93
N ALA A 75 11.52 -17.50 -22.24
CA ALA A 75 12.64 -17.68 -23.17
C ALA A 75 13.72 -16.63 -22.97
N ALA A 76 13.32 -15.35 -22.89
CA ALA A 76 14.32 -14.29 -22.70
C ALA A 76 14.96 -14.37 -21.32
N PHE A 77 14.15 -14.58 -20.27
CA PHE A 77 14.64 -14.35 -18.90
C PHE A 77 14.73 -15.52 -17.91
N GLY A 78 14.09 -16.65 -18.22
CA GLY A 78 14.15 -17.80 -17.35
C GLY A 78 12.97 -17.97 -16.42
N LYS A 79 12.38 -16.86 -15.98
CA LYS A 79 11.25 -16.89 -15.04
C LYS A 79 10.40 -15.62 -15.16
N ILE A 80 9.27 -15.58 -14.43
CA ILE A 80 8.42 -14.39 -14.15
C ILE A 80 8.23 -14.25 -12.63
N ASP A 81 8.76 -13.20 -12.03
CA ASP A 81 8.52 -12.94 -10.61
C ASP A 81 7.25 -12.14 -10.36
N THR A 82 7.01 -11.13 -11.17
CA THR A 82 5.92 -10.19 -10.94
C THR A 82 5.14 -9.92 -12.24
N LEU A 83 3.83 -10.21 -12.16
CA LEU A 83 2.89 -9.86 -13.21
C LEU A 83 2.18 -8.53 -12.90
N ILE A 84 2.30 -7.57 -13.82
CA ILE A 84 1.65 -6.26 -13.62
C ILE A 84 0.60 -5.98 -14.73
N PRO A 85 -0.62 -6.56 -14.61
CA PRO A 85 -1.55 -6.22 -15.66
C PRO A 85 -1.94 -4.78 -15.45
N ASN A 86 -1.98 -4.05 -16.56
CA ASN A 86 -1.94 -2.62 -16.55
C ASN A 86 -2.55 -1.96 -17.76
N ALA A 87 -2.60 -2.65 -18.91
CA ALA A 87 -3.10 -1.99 -20.14
C ALA A 87 -4.56 -1.62 -19.94
N GLY A 88 -4.95 -0.46 -20.48
CA GLY A 88 -6.26 0.08 -20.18
C GLY A 88 -6.74 1.12 -21.17
N ILE A 89 -8.05 1.32 -21.11
CA ILE A 89 -8.82 2.21 -21.98
C ILE A 89 -9.83 3.02 -21.09
N TRP A 90 -10.01 4.30 -21.41
CA TRP A 90 -10.92 5.16 -20.66
C TRP A 90 -12.28 5.36 -21.36
N ASP A 91 -13.28 5.83 -20.62
CA ASP A 91 -14.52 6.27 -21.27
C ASP A 91 -14.69 7.80 -21.27
N TYR A 92 -13.71 8.53 -20.70
CA TYR A 92 -13.76 9.99 -20.67
C TYR A 92 -14.97 10.47 -19.89
N SER A 93 -15.44 9.61 -19.00
CA SER A 93 -16.50 9.92 -18.09
C SER A 93 -17.81 10.17 -18.83
N THR A 94 -17.99 9.54 -19.99
CA THR A 94 -19.27 9.59 -20.70
C THR A 94 -20.30 8.98 -19.74
N ALA A 95 -21.25 9.82 -19.38
CA ALA A 95 -22.36 9.48 -18.52
C ALA A 95 -23.28 8.46 -19.23
N LEU A 96 -24.12 7.76 -18.50
CA LEU A 96 -25.04 6.80 -19.10
C LEU A 96 -25.98 7.44 -20.10
N ALA A 97 -26.55 8.59 -19.72
CA ALA A 97 -27.43 9.39 -20.61
C ALA A 97 -26.77 9.72 -21.96
N ASP A 98 -25.46 9.94 -21.95
CA ASP A 98 -24.71 10.28 -23.16
C ASP A 98 -24.11 9.12 -23.94
N LEU A 99 -24.27 7.88 -23.46
CA LEU A 99 -23.89 6.68 -24.21
C LEU A 99 -24.99 6.38 -25.27
N PRO A 100 -24.65 6.54 -26.58
CA PRO A 100 -25.77 6.37 -27.51
C PRO A 100 -26.18 4.93 -27.54
N GLU A 101 -27.47 4.70 -27.76
CA GLU A 101 -28.05 3.36 -27.78
C GLU A 101 -27.44 2.44 -28.85
N ASP A 102 -27.19 3.01 -30.01
CA ASP A 102 -26.53 2.29 -31.08
C ASP A 102 -25.04 1.97 -30.77
N LYS A 103 -24.54 2.47 -29.63
CA LYS A 103 -23.09 2.39 -29.32
C LYS A 103 -22.74 1.73 -27.98
N ILE A 104 -23.68 1.69 -27.02
CA ILE A 104 -23.47 1.04 -25.71
C ILE A 104 -22.91 -0.39 -25.79
N ASP A 105 -23.53 -1.27 -26.58
CA ASP A 105 -23.11 -2.67 -26.57
C ASP A 105 -21.63 -2.80 -27.01
N ALA A 106 -21.26 -2.12 -28.09
CA ALA A 106 -19.88 -2.12 -28.57
C ALA A 106 -18.92 -1.49 -27.57
N ALA A 107 -19.27 -0.32 -27.01
CA ALA A 107 -18.46 0.35 -26.00
C ALA A 107 -18.28 -0.54 -24.77
N PHE A 108 -19.36 -1.19 -24.36
CA PHE A 108 -19.31 -2.18 -23.27
C PHE A 108 -18.21 -3.22 -23.53
N ASP A 109 -18.26 -3.90 -24.68
CA ASP A 109 -17.32 -4.98 -24.96
C ASP A 109 -15.89 -4.48 -25.03
N ASP A 110 -15.67 -3.43 -25.79
CA ASP A 110 -14.36 -2.84 -25.86
C ASP A 110 -13.70 -2.51 -24.49
N ILE A 111 -14.35 -1.67 -23.68
CA ILE A 111 -13.79 -1.28 -22.34
C ILE A 111 -13.61 -2.48 -21.39
N PHE A 112 -14.60 -3.36 -21.32
CA PHE A 112 -14.50 -4.54 -20.45
C PHE A 112 -13.52 -5.56 -20.95
N HIS A 113 -13.39 -5.69 -22.28
CA HIS A 113 -12.45 -6.64 -22.84
C HIS A 113 -11.02 -6.26 -22.45
N VAL A 114 -10.68 -4.97 -22.58
CA VAL A 114 -9.33 -4.52 -22.24
C VAL A 114 -9.16 -4.47 -20.74
N ASN A 115 -10.00 -3.68 -20.07
CA ASN A 115 -9.82 -3.40 -18.67
C ASN A 115 -9.90 -4.63 -17.77
N VAL A 116 -10.80 -5.56 -18.06
CA VAL A 116 -11.06 -6.67 -17.10
C VAL A 116 -10.61 -8.02 -17.69
N LYS A 117 -11.08 -8.30 -18.90
CA LYS A 117 -10.67 -9.53 -19.57
C LYS A 117 -9.17 -9.57 -19.85
N GLY A 118 -8.62 -8.45 -20.36
CA GLY A 118 -7.16 -8.28 -20.48
C GLY A 118 -6.37 -8.60 -19.21
N TYR A 119 -6.92 -8.24 -18.08
CA TYR A 119 -6.31 -8.61 -16.79
C TYR A 119 -6.47 -10.10 -16.53
N ILE A 120 -7.68 -10.62 -16.76
CA ILE A 120 -7.88 -12.06 -16.54
C ILE A 120 -7.01 -12.92 -17.45
N HIS A 121 -6.81 -12.50 -18.70
CA HIS A 121 -5.93 -13.24 -19.62
C HIS A 121 -4.45 -13.14 -19.28
N ALA A 122 -4.04 -12.03 -18.64
CA ALA A 122 -2.64 -11.89 -18.17
C ALA A 122 -2.34 -12.94 -17.07
N VAL A 123 -3.29 -13.12 -16.15
CA VAL A 123 -3.11 -14.00 -15.03
C VAL A 123 -3.18 -15.45 -15.46
N LYS A 124 -4.10 -15.76 -16.36
CA LYS A 124 -4.27 -17.12 -16.86
C LYS A 124 -2.98 -17.58 -17.54
N ALA A 125 -2.47 -16.72 -18.42
CA ALA A 125 -1.23 -17.02 -19.19
C ALA A 125 0.05 -17.21 -18.30
N CYS A 126 0.24 -16.33 -17.32
CA CYS A 126 1.44 -16.33 -16.49
C CYS A 126 1.36 -17.24 -15.28
N LEU A 127 0.16 -17.73 -14.99
CA LEU A 127 -0.07 -18.61 -13.84
C LEU A 127 1.00 -19.69 -13.60
N PRO A 128 1.29 -20.54 -14.61
CA PRO A 128 2.36 -21.52 -14.38
C PRO A 128 3.68 -20.91 -13.93
N ALA A 129 4.05 -19.75 -14.47
CA ALA A 129 5.32 -19.14 -14.10
C ALA A 129 5.29 -18.52 -12.70
N LEU A 130 4.15 -17.94 -12.31
CA LEU A 130 4.04 -17.30 -10.99
C LEU A 130 3.99 -18.26 -9.83
N VAL A 131 3.38 -19.42 -10.03
CA VAL A 131 3.43 -20.49 -9.02
C VAL A 131 4.86 -21.05 -8.91
N SER A 132 5.47 -21.32 -10.06
CA SER A 132 6.88 -21.67 -10.16
C SER A 132 7.78 -20.73 -9.34
N SER A 133 7.58 -19.42 -9.48
CA SER A 133 8.45 -18.41 -8.82
C SER A 133 7.95 -17.98 -7.41
N ARG A 134 6.67 -18.25 -7.11
CA ARG A 134 6.03 -17.75 -5.89
C ARG A 134 5.93 -16.25 -5.99
N GLY A 135 5.64 -15.79 -7.20
CA GLY A 135 5.74 -14.40 -7.45
C GLY A 135 4.46 -13.74 -6.99
N SER A 136 4.09 -12.67 -7.68
CA SER A 136 3.01 -11.89 -7.20
C SER A 136 2.44 -11.17 -8.38
N VAL A 137 1.16 -10.84 -8.27
CA VAL A 137 0.44 -10.07 -9.24
C VAL A 137 0.13 -8.70 -8.62
N VAL A 138 0.41 -7.64 -9.36
CA VAL A 138 -0.06 -6.33 -8.98
C VAL A 138 -0.87 -5.63 -10.11
N PHE A 139 -2.18 -5.52 -9.92
CA PHE A 139 -3.09 -4.90 -10.91
C PHE A 139 -3.12 -3.39 -10.81
N THR A 140 -3.14 -2.70 -11.94
CA THR A 140 -3.30 -1.27 -11.88
C THR A 140 -4.78 -1.05 -11.79
N ILE A 141 -5.24 -0.48 -10.67
CA ILE A 141 -6.63 -0.06 -10.53
C ILE A 141 -6.71 1.45 -10.91
N SER A 142 -7.27 2.26 -10.02
CA SER A 142 -7.56 3.68 -10.27
C SER A 142 -8.40 4.06 -9.08
N ASN A 143 -8.48 5.34 -8.81
CA ASN A 143 -9.50 5.90 -7.95
C ASN A 143 -10.94 5.58 -8.44
N ALA A 144 -11.11 5.35 -9.73
CA ALA A 144 -12.43 5.03 -10.33
C ALA A 144 -12.90 3.65 -9.85
N GLY A 145 -12.02 2.97 -9.11
CA GLY A 145 -12.32 1.67 -8.58
C GLY A 145 -12.84 1.75 -7.18
N PHE A 146 -13.03 2.97 -6.68
CA PHE A 146 -13.38 3.18 -5.26
C PHE A 146 -14.47 4.25 -5.06
N TYR A 147 -14.44 5.30 -5.89
CA TYR A 147 -15.32 6.45 -5.76
C TYR A 147 -15.77 6.78 -7.18
N PRO A 148 -16.98 7.38 -7.30
CA PRO A 148 -17.47 7.84 -8.61
C PRO A 148 -16.62 8.99 -9.19
N ASN A 149 -17.17 9.62 -10.20
CA ASN A 149 -16.59 10.77 -10.89
C ASN A 149 -15.17 10.63 -11.50
N GLY A 150 -14.62 9.42 -11.53
CA GLY A 150 -13.36 9.23 -12.25
C GLY A 150 -13.46 8.56 -13.62
N GLY A 151 -14.66 8.45 -14.19
CA GLY A 151 -14.93 7.73 -15.45
C GLY A 151 -16.42 7.55 -15.47
N GLY A 152 -16.98 7.09 -16.59
CA GLY A 152 -18.45 6.90 -16.63
C GLY A 152 -18.81 5.59 -15.95
N PRO A 153 -20.06 5.12 -16.12
CA PRO A 153 -20.41 3.80 -15.57
C PRO A 153 -19.52 2.63 -16.07
N LEU A 154 -19.19 2.61 -17.37
CA LEU A 154 -18.37 1.55 -17.97
C LEU A 154 -17.02 1.45 -17.30
N TYR A 155 -16.29 2.57 -17.30
CA TYR A 155 -15.00 2.56 -16.70
C TYR A 155 -14.99 2.31 -15.18
N THR A 156 -15.91 2.96 -14.43
CA THR A 156 -15.98 2.80 -12.96
C THR A 156 -16.33 1.34 -12.66
N ALA A 157 -17.24 0.77 -13.47
CA ALA A 157 -17.57 -0.65 -13.38
C ALA A 157 -16.32 -1.55 -13.62
N THR A 158 -15.50 -1.26 -14.65
CA THR A 158 -14.30 -2.08 -14.90
C THR A 158 -13.33 -2.00 -13.71
N LYS A 159 -13.06 -0.79 -13.20
CA LYS A 159 -12.14 -0.68 -12.06
C LYS A 159 -12.71 -1.30 -10.79
N HIS A 160 -14.00 -1.13 -10.54
CA HIS A 160 -14.54 -1.88 -9.40
C HIS A 160 -14.37 -3.35 -9.63
N ALA A 161 -14.37 -3.79 -10.91
CA ALA A 161 -14.27 -5.22 -11.23
C ALA A 161 -12.88 -5.77 -10.92
N VAL A 162 -11.84 -4.96 -11.12
CA VAL A 162 -10.48 -5.40 -10.84
C VAL A 162 -10.21 -5.51 -9.36
N VAL A 163 -10.85 -4.66 -8.55
CA VAL A 163 -10.89 -4.84 -7.10
C VAL A 163 -11.41 -6.25 -6.84
N GLY A 164 -12.41 -6.71 -7.61
CA GLY A 164 -12.97 -8.04 -7.43
C GLY A 164 -11.99 -9.13 -7.80
N LEU A 165 -11.09 -8.86 -8.76
CA LEU A 165 -10.03 -9.82 -9.14
C LEU A 165 -8.86 -9.83 -8.19
N VAL A 166 -8.50 -8.66 -7.67
CA VAL A 166 -7.58 -8.53 -6.53
C VAL A 166 -7.93 -9.55 -5.46
N ARG A 167 -9.15 -9.45 -4.95
CA ARG A 167 -9.67 -10.32 -3.85
C ARG A 167 -9.86 -11.79 -4.22
N GLN A 168 -10.52 -12.05 -5.35
CA GLN A 168 -10.73 -13.44 -5.76
C GLN A 168 -9.42 -14.16 -6.14
N MET A 169 -8.49 -13.42 -6.74
CA MET A 169 -7.23 -14.03 -7.14
C MET A 169 -6.22 -14.16 -5.96
N ALA A 170 -6.20 -13.20 -5.02
CA ALA A 170 -5.46 -13.41 -3.78
C ALA A 170 -5.93 -14.71 -3.11
N PHE A 171 -7.26 -14.89 -3.00
CA PHE A 171 -7.83 -16.14 -2.44
C PHE A 171 -7.37 -17.35 -3.25
N GLU A 172 -7.72 -17.38 -4.53
CA GLU A 172 -7.48 -18.56 -5.37
C GLU A 172 -6.03 -18.95 -5.62
N LEU A 173 -5.11 -17.98 -5.62
CA LEU A 173 -3.74 -18.32 -5.93
C LEU A 173 -2.87 -18.53 -4.68
N ALA A 174 -3.47 -18.35 -3.51
CA ALA A 174 -2.82 -18.60 -2.22
C ALA A 174 -2.67 -20.08 -2.05
N PRO A 175 -1.57 -20.55 -1.43
CA PRO A 175 -0.44 -19.81 -0.82
C PRO A 175 0.78 -19.54 -1.73
N HIS A 176 0.64 -19.78 -3.02
CA HIS A 176 1.81 -19.73 -3.89
C HIS A 176 2.03 -18.37 -4.55
N VAL A 177 0.95 -17.66 -4.90
CA VAL A 177 1.08 -16.38 -5.58
C VAL A 177 0.29 -15.30 -4.91
N ARG A 178 0.97 -14.24 -4.49
CA ARG A 178 0.30 -13.07 -3.88
C ARG A 178 -0.43 -12.15 -4.86
N VAL A 179 -1.54 -11.55 -4.42
CA VAL A 179 -2.35 -10.68 -5.29
C VAL A 179 -2.78 -9.35 -4.66
N ASN A 180 -2.28 -8.28 -5.26
CA ASN A 180 -2.51 -6.95 -4.75
C ASN A 180 -2.89 -5.93 -5.86
N GLY A 181 -3.42 -4.79 -5.42
CA GLY A 181 -3.78 -3.73 -6.34
C GLY A 181 -3.26 -2.38 -5.90
N VAL A 182 -2.75 -1.62 -6.86
CA VAL A 182 -2.40 -0.23 -6.69
C VAL A 182 -3.46 0.60 -7.43
N ALA A 183 -3.93 1.66 -6.80
CA ALA A 183 -5.01 2.45 -7.38
C ALA A 183 -4.55 3.90 -7.53
N PRO A 184 -3.86 4.20 -8.65
CA PRO A 184 -3.31 5.55 -8.93
C PRO A 184 -4.42 6.55 -9.20
N GLY A 185 -4.12 7.83 -9.00
CA GLY A 185 -5.02 8.91 -9.35
C GLY A 185 -4.65 9.38 -10.73
N GLY A 186 -5.07 10.60 -11.08
CA GLY A 186 -4.94 11.13 -12.44
C GLY A 186 -3.47 11.18 -12.83
N MET A 187 -3.21 10.90 -14.10
CA MET A 187 -1.86 10.74 -14.60
C MET A 187 -1.82 11.37 -15.96
N ASN A 188 -0.67 11.93 -16.31
CA ASN A 188 -0.55 12.51 -17.60
C ASN A 188 0.08 11.50 -18.54
N THR A 189 -0.78 10.70 -19.16
CA THR A 189 -0.39 9.54 -19.93
C THR A 189 -0.85 9.71 -21.39
N ASP A 190 -1.06 8.60 -22.11
CA ASP A 190 -1.63 8.63 -23.46
C ASP A 190 -2.88 7.74 -23.48
N LEU A 191 -3.53 7.64 -22.33
CA LEU A 191 -4.83 6.98 -22.18
C LEU A 191 -5.89 7.38 -23.21
N ARG A 192 -6.44 6.36 -23.89
CA ARG A 192 -7.42 6.54 -24.98
C ARG A 192 -8.83 6.06 -24.59
N GLY A 193 -9.84 6.46 -25.36
CA GLY A 193 -11.19 5.88 -25.28
C GLY A 193 -11.44 4.88 -26.41
N PRO A 194 -12.66 4.27 -26.47
CA PRO A 194 -12.91 3.25 -27.48
C PRO A 194 -13.40 3.82 -28.80
N SER A 195 -13.24 3.04 -29.87
CA SER A 195 -13.75 3.38 -31.21
C SER A 195 -15.24 3.74 -31.24
N SER A 196 -16.05 2.93 -30.54
CA SER A 196 -17.49 3.14 -30.42
C SER A 196 -17.81 4.59 -30.13
N LEU A 197 -17.07 5.18 -29.20
CA LEU A 197 -17.40 6.52 -28.78
C LEU A 197 -16.59 7.57 -29.54
N GLY A 198 -15.89 7.13 -30.60
CA GLY A 198 -15.03 8.01 -31.38
C GLY A 198 -14.00 8.65 -30.47
N LEU A 199 -13.43 7.86 -29.54
CA LEU A 199 -12.35 8.37 -28.63
C LEU A 199 -11.00 7.64 -28.79
N SER A 200 -10.88 6.83 -29.85
CA SER A 200 -9.65 6.10 -30.16
C SER A 200 -8.44 7.04 -30.11
N GLU A 201 -8.64 8.26 -30.61
CA GLU A 201 -7.54 9.18 -30.91
C GLU A 201 -7.55 10.41 -30.01
N GLN A 202 -8.30 10.32 -28.92
CA GLN A 202 -8.30 11.32 -27.88
C GLN A 202 -7.34 10.83 -26.78
N SER A 203 -6.49 11.71 -26.32
CA SER A 203 -5.43 11.34 -25.41
C SER A 203 -5.62 12.18 -24.15
N ILE A 204 -5.47 11.54 -22.98
CA ILE A 204 -5.74 12.23 -21.70
C ILE A 204 -4.76 13.34 -21.40
N SER A 205 -3.59 13.29 -22.05
CA SER A 205 -2.59 14.34 -21.95
C SER A 205 -3.13 15.66 -22.51
N SER A 206 -4.18 15.55 -23.34
CA SER A 206 -4.88 16.70 -23.92
C SER A 206 -6.00 17.27 -23.01
N VAL A 207 -6.24 16.61 -21.88
CA VAL A 207 -7.20 17.04 -20.87
C VAL A 207 -6.41 17.82 -19.78
N PRO A 208 -6.93 19.00 -19.34
CA PRO A 208 -6.25 19.84 -18.32
C PRO A 208 -6.27 19.22 -16.90
N LEU A 209 -5.83 17.97 -16.84
CA LEU A 209 -5.75 17.19 -15.62
C LEU A 209 -4.96 17.87 -14.50
N ALA A 210 -3.78 18.39 -14.83
CA ALA A 210 -2.96 19.13 -13.87
C ALA A 210 -3.70 20.34 -13.28
N ASP A 211 -4.41 21.09 -14.14
CA ASP A 211 -5.23 22.23 -13.72
C ASP A 211 -6.35 21.81 -12.75
N MET A 212 -7.22 20.90 -13.21
CA MET A 212 -8.31 20.32 -12.41
C MET A 212 -7.85 19.75 -11.06
N LEU A 213 -6.86 18.86 -11.09
CA LEU A 213 -6.35 18.15 -9.90
C LEU A 213 -5.63 18.98 -8.81
N LYS A 214 -5.18 20.18 -9.18
CA LYS A 214 -4.64 21.15 -8.24
C LYS A 214 -5.70 21.55 -7.17
N SER A 215 -6.94 21.78 -7.61
CA SER A 215 -8.07 22.08 -6.71
C SER A 215 -8.56 20.89 -5.84
N VAL A 216 -8.32 19.66 -6.31
CA VAL A 216 -9.07 18.50 -5.81
C VAL A 216 -8.28 17.56 -4.88
N LEU A 217 -6.98 17.46 -5.11
CA LEU A 217 -6.18 16.53 -4.34
C LEU A 217 -5.69 17.15 -3.05
N PRO A 218 -6.00 16.54 -1.91
CA PRO A 218 -5.37 17.03 -0.67
C PRO A 218 -3.90 17.44 -0.81
N ILE A 219 -3.11 16.67 -1.56
CA ILE A 219 -1.66 16.86 -1.65
C ILE A 219 -1.29 18.05 -2.54
N GLY A 220 -2.31 18.66 -3.12
CA GLY A 220 -2.19 19.99 -3.73
C GLY A 220 -1.43 20.04 -5.04
N ARG A 221 -1.41 18.91 -5.74
CA ARG A 221 -0.76 18.79 -7.03
C ARG A 221 -0.88 17.35 -7.55
N MET A 222 -0.77 17.21 -8.86
CA MET A 222 -0.78 15.91 -9.47
C MET A 222 0.67 15.45 -9.48
N PRO A 223 0.91 14.21 -9.03
CA PRO A 223 2.24 13.62 -9.11
C PRO A 223 2.70 13.36 -10.56
N ALA A 224 4.03 13.38 -10.75
CA ALA A 224 4.65 12.96 -12.00
C ALA A 224 4.60 11.43 -12.06
N LEU A 225 4.64 10.87 -13.27
CA LEU A 225 4.56 9.42 -13.53
C LEU A 225 5.62 8.63 -12.84
N GLU A 226 6.78 9.26 -12.63
CA GLU A 226 7.91 8.74 -11.89
C GLU A 226 7.48 8.39 -10.45
N GLU A 227 6.64 9.26 -9.89
CA GLU A 227 6.23 9.13 -8.51
C GLU A 227 5.08 8.15 -8.28
N TYR A 228 4.47 7.60 -9.37
CA TYR A 228 3.46 6.53 -9.26
C TYR A 228 4.03 5.10 -9.40
N THR A 229 5.33 4.96 -9.63
CA THR A 229 5.99 3.63 -9.79
C THR A 229 6.48 2.98 -8.49
N GLY A 230 6.69 3.80 -7.45
CA GLY A 230 7.18 3.37 -6.14
C GLY A 230 6.39 2.26 -5.51
N ALA A 231 5.05 2.35 -5.61
CA ALA A 231 4.14 1.39 -4.95
C ALA A 231 4.28 0.02 -5.56
N TYR A 232 4.55 0.00 -6.87
CA TYR A 232 4.75 -1.24 -7.64
C TYR A 232 6.07 -2.00 -7.29
N VAL A 233 7.13 -1.24 -7.06
CA VAL A 233 8.40 -1.75 -6.58
C VAL A 233 8.21 -2.37 -5.20
N PHE A 234 7.47 -1.65 -4.32
CA PHE A 234 7.11 -2.16 -3.00
C PHE A 234 6.53 -3.57 -3.16
N PHE A 235 5.41 -3.71 -3.86
CA PHE A 235 4.77 -5.04 -4.11
C PHE A 235 5.60 -6.07 -4.93
N ALA A 236 6.65 -5.59 -5.59
CA ALA A 236 7.49 -6.46 -6.42
C ALA A 236 8.73 -6.95 -5.67
N THR A 237 9.01 -6.34 -4.52
CA THR A 237 10.13 -6.68 -3.63
C THR A 237 9.70 -7.79 -2.66
N ARG A 238 10.33 -8.96 -2.77
CA ARG A 238 10.02 -10.08 -1.85
C ARG A 238 10.14 -9.69 -0.36
N GLY A 239 11.29 -9.16 0.00
CA GLY A 239 11.59 -8.89 1.37
C GLY A 239 10.77 -7.80 1.99
N ASP A 240 10.07 -7.00 1.18
CA ASP A 240 9.27 -5.88 1.73
C ASP A 240 7.77 -6.10 1.85
N SER A 241 7.19 -6.79 0.88
CA SER A 241 5.73 -7.00 0.83
C SER A 241 5.26 -8.44 1.00
N LEU A 242 6.00 -9.29 1.68
CA LEU A 242 5.58 -10.66 1.87
C LEU A 242 4.22 -10.84 2.61
N PRO A 243 3.96 -10.05 3.68
CA PRO A 243 2.63 -10.26 4.28
C PRO A 243 1.42 -9.65 3.51
N ALA A 244 1.65 -9.04 2.36
CA ALA A 244 0.52 -8.43 1.64
C ALA A 244 0.02 -9.34 0.49
N THR A 245 -1.18 -9.84 0.67
CA THR A 245 -2.01 -10.36 -0.38
C THR A 245 -3.42 -9.83 -0.09
N GLY A 246 -4.19 -9.54 -1.13
CA GLY A 246 -5.47 -8.88 -0.95
C GLY A 246 -5.41 -7.35 -0.85
N ALA A 247 -4.21 -6.78 -0.77
CA ALA A 247 -4.06 -5.36 -0.43
C ALA A 247 -4.57 -4.41 -1.49
N LEU A 248 -5.23 -3.34 -1.06
CA LEU A 248 -5.68 -2.26 -1.91
C LEU A 248 -5.10 -0.93 -1.41
N LEU A 249 -4.08 -0.46 -2.14
CA LEU A 249 -3.40 0.79 -1.83
C LEU A 249 -3.92 1.93 -2.70
N ASN A 250 -4.73 2.78 -2.08
CA ASN A 250 -5.12 4.06 -2.69
C ASN A 250 -3.96 5.03 -2.74
N TYR A 251 -3.66 5.42 -3.98
CA TYR A 251 -2.39 5.99 -4.36
C TYR A 251 -2.70 7.12 -5.30
N ASP A 252 -3.48 8.08 -4.80
CA ASP A 252 -4.16 9.05 -5.69
C ASP A 252 -4.12 10.53 -5.28
N GLY A 253 -3.21 10.87 -4.37
CA GLY A 253 -3.15 12.22 -3.81
C GLY A 253 -4.24 12.49 -2.78
N GLY A 254 -4.87 11.40 -2.29
CA GLY A 254 -5.85 11.46 -1.22
C GLY A 254 -7.27 11.89 -1.60
N MET A 255 -7.76 11.47 -2.77
CA MET A 255 -9.15 11.69 -3.21
C MET A 255 -10.21 11.22 -2.23
N GLY A 256 -9.99 10.08 -1.55
CA GLY A 256 -10.98 9.57 -0.58
C GLY A 256 -10.99 10.24 0.80
N VAL A 257 -10.02 11.12 1.04
CA VAL A 257 -9.90 11.87 2.32
C VAL A 257 -9.99 13.41 2.13
N ARG A 258 -10.46 13.81 0.97
CA ARG A 258 -10.65 15.21 0.66
C ARG A 258 -11.81 15.78 1.49
N GLY A 259 -11.83 17.11 1.60
CA GLY A 259 -12.89 17.81 2.31
C GLY A 259 -14.08 18.17 1.46
N PHE A 260 -15.13 18.59 2.14
CA PHE A 260 -16.38 18.92 1.51
C PHE A 260 -16.31 20.29 0.86
N LEU A 261 -15.61 21.25 1.47
CA LEU A 261 -15.44 22.61 0.89
C LEU A 261 -14.06 22.89 0.34
N THR A 262 -13.02 22.28 0.90
CA THR A 262 -11.65 22.28 0.34
C THR A 262 -11.12 20.86 0.33
N ALA A 263 -10.19 20.59 -0.59
CA ALA A 263 -9.54 19.32 -0.61
C ALA A 263 -8.71 19.09 0.64
N ALA A 264 -7.95 20.12 1.06
CA ALA A 264 -7.02 20.00 2.20
C ALA A 264 -7.45 20.80 3.42
N GLY A 265 -7.23 20.25 4.61
CA GLY A 265 -7.55 20.93 5.84
C GLY A 265 -6.47 21.87 6.33
N GLY A 266 -5.25 21.70 5.83
CA GLY A 266 -4.13 22.34 6.47
C GLY A 266 -3.21 23.12 5.56
N ALA A 267 -3.78 23.85 4.61
CA ALA A 267 -2.99 24.77 3.77
C ALA A 267 -2.19 25.83 4.58
N ASP A 268 -2.76 26.27 5.71
CA ASP A 268 -2.15 27.36 6.48
C ASP A 268 -1.65 26.91 7.86
N LEU A 269 -1.33 25.63 8.01
CA LEU A 269 -0.70 25.12 9.22
C LEU A 269 0.64 25.80 9.50
N PRO A 270 1.56 25.87 8.51
CA PRO A 270 2.84 26.49 8.89
C PRO A 270 2.67 27.76 9.74
N GLU A 271 1.74 28.64 9.32
CA GLU A 271 1.43 29.90 10.01
C GLU A 271 0.51 29.74 11.22
N LYS A 272 -0.30 28.68 11.23
CA LYS A 272 -1.10 28.34 12.41
C LYS A 272 -0.21 27.94 13.61
N LEU A 273 0.88 27.22 13.33
CA LEU A 273 1.91 26.91 14.35
C LEU A 273 2.97 28.02 14.37
N ASN A 274 2.72 29.05 13.55
CA ASN A 274 3.63 30.16 13.22
C ASN A 274 5.15 29.89 13.30
N ILE A 275 5.70 29.34 12.22
CA ILE A 275 7.14 28.98 12.18
C ILE A 275 8.08 30.13 11.72
N ASN A 276 9.29 30.10 11.92
N MET B 1 20.92 1.41 1.03
CA MET B 1 20.26 2.08 2.17
C MET B 1 19.26 3.15 1.66
N LYS B 2 17.96 2.84 1.72
CA LYS B 2 16.86 3.70 1.20
C LYS B 2 16.52 5.03 1.94
N LEU B 3 17.06 5.26 3.13
CA LEU B 3 16.62 6.39 3.95
C LEU B 3 17.76 7.23 4.52
N THR B 4 18.87 7.31 3.78
CA THR B 4 20.03 8.07 4.23
C THR B 4 19.64 9.55 4.39
N GLY B 5 19.96 10.09 5.57
CA GLY B 5 19.65 11.47 5.89
C GLY B 5 18.28 11.65 6.50
N GLU B 6 17.45 10.60 6.50
CA GLU B 6 16.10 10.66 7.09
C GLU B 6 16.07 10.37 8.59
N VAL B 7 15.15 11.03 9.28
CA VAL B 7 15.00 10.85 10.71
C VAL B 7 13.57 10.37 10.96
N ALA B 8 13.45 9.27 11.69
CA ALA B 8 12.16 8.83 12.20
C ALA B 8 12.00 9.02 13.72
N LEU B 9 10.77 9.26 14.17
CA LEU B 9 10.40 9.02 15.58
C LEU B 9 9.33 7.91 15.71
N ILE B 10 9.68 6.86 16.46
CA ILE B 10 8.84 5.65 16.58
C ILE B 10 8.44 5.44 18.06
N THR B 11 7.13 5.42 18.37
CA THR B 11 6.68 5.12 19.73
C THR B 11 6.48 3.59 19.84
N GLY B 12 6.65 3.03 21.04
CA GLY B 12 6.64 1.57 21.23
C GLY B 12 7.61 0.87 20.27
N GLY B 13 8.83 1.39 20.19
CA GLY B 13 9.86 0.87 19.29
C GLY B 13 10.94 0.06 19.98
N ALA B 14 10.68 -0.36 21.21
CA ALA B 14 11.63 -1.10 22.03
C ALA B 14 11.36 -2.62 22.04
N SER B 15 10.16 -3.06 21.63
CA SER B 15 9.88 -4.51 21.43
C SER B 15 9.05 -4.73 20.15
N GLY B 16 8.83 -5.99 19.78
CA GLY B 16 7.88 -6.37 18.70
C GLY B 16 8.04 -5.65 17.37
N LEU B 17 6.95 -5.39 16.67
CA LEU B 17 7.01 -4.59 15.45
C LEU B 17 7.91 -3.32 15.52
N GLY B 18 7.86 -2.61 16.63
CA GLY B 18 8.59 -1.36 16.81
C GLY B 18 10.08 -1.50 16.86
N ARG B 19 10.56 -2.60 17.45
CA ARG B 19 11.98 -2.87 17.44
C ARG B 19 12.47 -3.25 16.02
N ALA B 20 11.74 -4.14 15.35
CA ALA B 20 12.01 -4.51 13.95
C ALA B 20 12.13 -3.27 13.03
N LEU B 21 11.30 -2.24 13.28
CA LEU B 21 11.29 -0.95 12.57
C LEU B 21 12.52 -0.09 12.84
N VAL B 22 12.85 0.08 14.13
CA VAL B 22 14.12 0.70 14.53
C VAL B 22 15.30 0.09 13.79
N ASP B 23 15.49 -1.23 13.94
CA ASP B 23 16.56 -1.95 13.25
C ASP B 23 16.56 -1.70 11.75
N ARG B 24 15.37 -1.72 11.15
CA ARG B 24 15.24 -1.62 9.71
C ARG B 24 15.48 -0.20 9.24
N PHE B 25 14.93 0.77 9.96
CA PHE B 25 15.16 2.15 9.59
C PHE B 25 16.62 2.56 9.78
N VAL B 26 17.28 1.99 10.78
CA VAL B 26 18.70 2.24 11.06
C VAL B 26 19.58 1.61 9.98
N ALA B 27 19.20 0.42 9.55
CA ALA B 27 19.92 -0.28 8.49
C ALA B 27 19.68 0.41 7.15
N GLU B 28 18.58 1.14 7.02
CA GLU B 28 18.36 1.91 5.80
C GLU B 28 19.07 3.27 5.79
N GLY B 29 20.01 3.51 6.72
CA GLY B 29 20.66 4.82 6.82
C GLY B 29 19.93 5.94 7.57
N ALA B 30 18.76 5.63 8.11
CA ALA B 30 18.01 6.57 8.98
C ALA B 30 18.51 6.63 10.45
N ARG B 31 18.24 7.76 11.09
CA ARG B 31 18.55 7.93 12.49
C ARG B 31 17.19 7.94 13.21
N VAL B 32 17.10 7.26 14.35
CA VAL B 32 15.78 6.97 14.96
C VAL B 32 15.70 7.41 16.39
N ALA B 33 14.61 8.11 16.72
CA ALA B 33 14.29 8.42 18.11
C ALA B 33 13.15 7.49 18.60
N VAL B 34 13.23 7.02 19.85
CA VAL B 34 12.25 6.03 20.37
C VAL B 34 11.67 6.44 21.75
N LEU B 35 10.36 6.59 21.80
CA LEU B 35 9.62 6.72 23.05
C LEU B 35 9.00 5.37 23.36
N ASP B 36 9.44 4.80 24.48
CA ASP B 36 8.89 3.55 24.99
C ASP B 36 8.88 3.62 26.53
N LYS B 37 7.97 2.87 27.16
CA LYS B 37 7.90 2.83 28.62
C LYS B 37 8.99 1.90 29.22
N SER B 38 9.46 0.96 28.40
CA SER B 38 10.46 -0.04 28.80
C SER B 38 11.92 0.49 28.73
N ALA B 39 12.43 0.93 29.88
CA ALA B 39 13.74 1.54 30.01
C ALA B 39 14.90 0.59 29.68
N GLU B 40 14.84 -0.63 30.22
CA GLU B 40 15.76 -1.73 29.94
C GLU B 40 15.79 -2.13 28.45
N ARG B 41 14.64 -2.05 27.79
CA ARG B 41 14.60 -2.41 26.38
C ARG B 41 15.07 -1.23 25.55
N LEU B 42 14.94 -0.05 26.12
CA LEU B 42 15.48 1.13 25.48
C LEU B 42 16.98 1.12 25.62
N ARG B 43 17.48 0.47 26.66
CA ARG B 43 18.91 0.41 26.87
C ARG B 43 19.47 -0.41 25.72
N GLU B 44 18.86 -1.56 25.47
CA GLU B 44 19.41 -2.55 24.54
C GLU B 44 19.48 -2.04 23.11
N LEU B 45 18.49 -1.23 22.70
CA LEU B 45 18.50 -0.64 21.34
C LEU B 45 19.49 0.51 21.22
N GLU B 46 19.77 1.17 22.33
CA GLU B 46 20.78 2.21 22.39
C GLU B 46 22.19 1.65 22.22
N VAL B 47 22.47 0.51 22.85
CA VAL B 47 23.76 -0.21 22.64
C VAL B 47 23.82 -0.90 21.26
N ALA B 48 22.69 -1.45 20.84
CA ALA B 48 22.59 -2.09 19.55
C ALA B 48 22.98 -1.11 18.44
N HIS B 49 22.50 0.13 18.50
CA HIS B 49 22.64 1.07 17.35
C HIS B 49 23.58 2.28 17.45
N GLY B 50 24.47 2.29 18.42
CA GLY B 50 25.43 3.40 18.57
C GLY B 50 24.73 4.76 18.67
N GLY B 51 25.22 5.73 17.89
CA GLY B 51 24.60 7.04 17.86
C GLY B 51 23.42 7.16 16.92
N ASN B 52 23.04 6.06 16.24
CA ASN B 52 21.96 6.10 15.26
C ASN B 52 20.55 6.00 15.89
N ALA B 53 20.52 5.89 17.22
CA ALA B 53 19.27 5.84 18.00
C ALA B 53 19.37 6.72 19.25
N VAL B 54 18.23 7.21 19.69
CA VAL B 54 18.07 7.74 21.05
C VAL B 54 16.69 7.31 21.59
N GLY B 55 16.69 6.89 22.84
CA GLY B 55 15.44 6.53 23.51
C GLY B 55 15.08 7.57 24.54
N VAL B 56 13.77 7.79 24.70
CA VAL B 56 13.26 8.54 25.84
C VAL B 56 12.20 7.67 26.56
N VAL B 57 12.35 7.53 27.86
CA VAL B 57 11.55 6.62 28.63
C VAL B 57 10.35 7.46 28.96
N GLY B 58 9.22 7.10 28.39
CA GLY B 58 8.02 7.87 28.67
C GLY B 58 6.78 7.10 28.35
N ASP B 59 5.66 7.76 28.58
CA ASP B 59 4.38 7.14 28.36
C ASP B 59 3.67 7.87 27.23
N VAL B 60 3.27 7.09 26.22
CA VAL B 60 2.56 7.61 25.01
C VAL B 60 1.26 8.36 25.31
N ARG B 61 0.74 8.18 26.53
CA ARG B 61 -0.48 8.80 27.06
C ARG B 61 -0.22 10.22 27.60
N SER B 62 1.02 10.46 28.00
CA SER B 62 1.49 11.78 28.37
C SER B 62 1.95 12.63 27.16
N LEU B 63 1.22 13.70 26.89
CA LEU B 63 1.61 14.71 25.88
C LEU B 63 2.99 15.29 26.12
N GLN B 64 3.29 15.61 27.38
CA GLN B 64 4.59 16.08 27.74
C GLN B 64 5.76 15.10 27.43
N ASP B 65 5.58 13.79 27.66
CA ASP B 65 6.64 12.80 27.43
C ASP B 65 6.90 12.75 25.93
N GLN B 66 5.79 12.75 25.18
CA GLN B 66 5.77 12.89 23.71
C GLN B 66 6.50 14.14 23.24
N LYS B 67 6.27 15.25 23.93
CA LYS B 67 6.99 16.48 23.60
C LYS B 67 8.51 16.28 23.73
N ARG B 68 8.95 15.66 24.82
CA ARG B 68 10.38 15.33 25.04
C ARG B 68 10.99 14.31 24.06
N ALA B 69 10.16 13.41 23.53
CA ALA B 69 10.60 12.50 22.47
C ALA B 69 10.98 13.29 21.22
N ALA B 70 10.03 14.11 20.76
CA ALA B 70 10.20 15.05 19.66
C ALA B 70 11.39 15.99 19.83
N GLU B 71 11.37 16.75 20.93
CA GLU B 71 12.41 17.72 21.22
C GLU B 71 13.81 17.10 21.30
N ARG B 72 13.92 15.95 22.00
CA ARG B 72 15.16 15.16 22.02
C ARG B 72 15.58 14.58 20.65
N CYS B 73 14.60 14.31 19.79
CA CYS B 73 14.82 13.87 18.42
C CYS B 73 15.38 15.04 17.59
N LEU B 74 14.81 16.21 17.84
CA LEU B 74 15.31 17.43 17.25
C LEU B 74 16.71 17.81 17.75
N ALA B 75 16.95 17.70 19.06
CA ALA B 75 18.28 18.06 19.59
C ALA B 75 19.36 17.14 19.06
N ALA B 76 19.04 15.84 18.94
CA ALA B 76 20.00 14.85 18.51
C ALA B 76 20.28 14.99 17.01
N PHE B 77 19.20 15.11 16.24
CA PHE B 77 19.25 14.82 14.83
C PHE B 77 18.83 16.01 13.95
N GLY B 78 18.23 17.03 14.55
CA GLY B 78 17.90 18.27 13.81
C GLY B 78 16.55 18.40 13.10
N LYS B 79 15.76 17.31 13.11
CA LYS B 79 14.55 17.20 12.30
C LYS B 79 13.78 15.92 12.62
N ILE B 80 12.51 15.88 12.22
CA ILE B 80 11.73 14.63 12.21
C ILE B 80 11.12 14.50 10.83
N ASP B 81 11.41 13.41 10.10
CA ASP B 81 10.83 13.24 8.74
C ASP B 81 9.60 12.37 8.77
N THR B 82 9.67 11.31 9.59
CA THR B 82 8.68 10.28 9.66
C THR B 82 8.40 9.91 11.10
N LEU B 83 7.13 10.03 11.46
CA LEU B 83 6.61 9.67 12.75
C LEU B 83 5.87 8.37 12.57
N ILE B 84 6.23 7.38 13.36
CA ILE B 84 5.47 6.12 13.41
C ILE B 84 4.85 5.92 14.82
N PRO B 85 3.63 6.47 15.04
CA PRO B 85 2.98 6.11 16.27
C PRO B 85 2.53 4.64 16.15
N ASN B 86 3.00 3.84 17.11
CA ASN B 86 3.00 2.38 17.02
C ASN B 86 2.70 1.67 18.32
N ALA B 87 2.88 2.35 19.47
CA ALA B 87 2.63 1.76 20.78
C ALA B 87 1.18 1.38 20.90
N GLY B 88 0.96 0.18 21.42
CA GLY B 88 -0.36 -0.34 21.60
C GLY B 88 -0.44 -1.47 22.60
N ILE B 89 -1.69 -1.71 22.98
CA ILE B 89 -2.14 -2.57 24.06
C ILE B 89 -3.36 -3.37 23.54
N TRP B 90 -3.41 -4.65 23.89
CA TRP B 90 -4.48 -5.59 23.48
C TRP B 90 -5.38 -5.91 24.69
N ASP B 91 -6.50 -6.57 24.42
CA ASP B 91 -7.47 -6.89 25.48
C ASP B 91 -7.63 -8.40 25.74
N TYR B 92 -6.77 -9.21 25.12
CA TYR B 92 -6.78 -10.68 25.20
C TYR B 92 -8.00 -11.29 24.53
N SER B 93 -8.61 -10.50 23.64
CA SER B 93 -9.84 -10.81 22.98
C SER B 93 -10.95 -11.02 24.02
N THR B 94 -10.96 -10.22 25.09
CA THR B 94 -12.00 -10.38 26.13
C THR B 94 -13.34 -9.91 25.61
N ALA B 95 -14.25 -10.87 25.54
CA ALA B 95 -15.60 -10.64 25.03
C ALA B 95 -16.27 -9.76 26.04
N LEU B 96 -17.04 -8.77 25.54
CA LEU B 96 -17.95 -7.96 26.37
C LEU B 96 -18.64 -8.73 27.50
N ALA B 97 -19.16 -9.91 27.21
CA ALA B 97 -19.88 -10.68 28.26
C ALA B 97 -18.94 -10.91 29.44
N ASP B 98 -17.65 -10.99 29.11
CA ASP B 98 -16.57 -11.36 30.03
C ASP B 98 -15.76 -10.18 30.57
N LEU B 99 -16.01 -8.96 30.09
CA LEU B 99 -15.41 -7.80 30.75
C LEU B 99 -16.19 -7.64 32.06
N PRO B 100 -15.50 -7.65 33.21
CA PRO B 100 -16.24 -7.43 34.48
C PRO B 100 -16.80 -5.99 34.62
N GLU B 101 -18.05 -5.87 35.06
CA GLU B 101 -18.69 -4.56 35.28
C GLU B 101 -17.79 -3.60 36.09
N ASP B 102 -17.04 -4.15 37.05
CA ASP B 102 -16.15 -3.35 37.90
C ASP B 102 -14.78 -2.98 37.29
N LYS B 103 -14.43 -3.60 36.15
CA LYS B 103 -13.13 -3.39 35.46
C LYS B 103 -13.24 -2.60 34.14
N ILE B 104 -14.35 -2.84 33.44
CA ILE B 104 -14.71 -2.22 32.16
C ILE B 104 -14.41 -0.70 32.01
N ASP B 105 -14.70 0.08 33.07
CA ASP B 105 -14.46 1.53 33.04
C ASP B 105 -13.00 1.89 32.97
N ALA B 106 -12.16 1.24 33.79
CA ALA B 106 -10.70 1.52 33.74
C ALA B 106 -10.11 0.95 32.43
N ALA B 107 -10.47 -0.30 32.15
CA ALA B 107 -9.95 -0.99 31.00
C ALA B 107 -10.30 -0.24 29.70
N PHE B 108 -11.48 0.36 29.63
CA PHE B 108 -11.78 1.25 28.48
C PHE B 108 -10.73 2.37 28.38
N ASP B 109 -10.43 2.98 29.52
CA ASP B 109 -9.52 4.12 29.54
C ASP B 109 -8.09 3.72 29.23
N ASP B 110 -7.59 2.66 29.86
CA ASP B 110 -6.21 2.20 29.65
C ASP B 110 -5.97 1.88 28.19
N ILE B 111 -6.85 1.11 27.59
CA ILE B 111 -6.70 0.71 26.19
C ILE B 111 -6.86 1.87 25.21
N PHE B 112 -7.87 2.71 25.42
CA PHE B 112 -8.09 3.83 24.52
C PHE B 112 -7.06 4.95 24.67
N HIS B 113 -6.60 5.18 25.90
CA HIS B 113 -5.53 6.13 26.19
C HIS B 113 -4.23 5.82 25.44
N VAL B 114 -3.73 4.58 25.52
CA VAL B 114 -2.48 4.27 24.80
C VAL B 114 -2.68 4.19 23.31
N ASN B 115 -3.55 3.27 22.90
CA ASN B 115 -3.89 3.02 21.53
C ASN B 115 -4.36 4.19 20.70
N VAL B 116 -5.15 5.10 21.28
CA VAL B 116 -5.77 6.15 20.46
C VAL B 116 -5.20 7.55 20.80
N LYS B 117 -5.39 7.98 22.05
CA LYS B 117 -4.84 9.23 22.53
C LYS B 117 -3.34 9.30 22.30
N GLY B 118 -2.62 8.23 22.69
CA GLY B 118 -1.21 8.04 22.39
C GLY B 118 -0.82 8.36 20.96
N TYR B 119 -1.56 7.82 19.98
CA TYR B 119 -1.37 8.19 18.56
C TYR B 119 -1.62 9.68 18.32
N ILE B 120 -2.62 10.24 19.02
CA ILE B 120 -2.99 11.66 18.85
C ILE B 120 -1.91 12.56 19.43
N HIS B 121 -1.42 12.23 20.64
CA HIS B 121 -0.34 12.98 21.26
C HIS B 121 0.97 12.95 20.47
N ALA B 122 1.35 11.78 19.98
CA ALA B 122 2.54 11.68 19.10
C ALA B 122 2.50 12.64 17.89
N VAL B 123 1.38 12.67 17.17
CA VAL B 123 1.22 13.61 16.07
C VAL B 123 1.26 15.06 16.59
N LYS B 124 0.40 15.39 17.54
CA LYS B 124 0.36 16.72 18.13
C LYS B 124 1.74 17.23 18.57
N ALA B 125 2.49 16.37 19.24
CA ALA B 125 3.85 16.67 19.69
C ALA B 125 4.81 16.91 18.52
N CYS B 126 4.61 16.19 17.41
CA CYS B 126 5.53 16.24 16.28
C CYS B 126 5.06 17.18 15.14
N LEU B 127 3.88 17.76 15.31
CA LEU B 127 3.32 18.63 14.29
C LEU B 127 4.28 19.72 13.72
N PRO B 128 4.85 20.63 14.57
CA PRO B 128 5.75 21.67 13.97
C PRO B 128 6.97 21.12 13.20
N ALA B 129 7.56 20.01 13.68
CA ALA B 129 8.71 19.37 13.03
C ALA B 129 8.28 18.68 11.73
N LEU B 130 7.15 17.96 11.75
CA LEU B 130 6.66 17.29 10.54
C LEU B 130 6.27 18.26 9.39
N VAL B 131 5.46 19.24 9.73
CA VAL B 131 5.07 20.28 8.81
C VAL B 131 6.31 20.97 8.26
N SER B 132 7.34 21.12 9.09
CA SER B 132 8.61 21.73 8.70
C SER B 132 9.42 20.90 7.67
N SER B 133 9.45 19.58 7.88
CA SER B 133 10.19 18.69 7.00
C SER B 133 9.31 18.17 5.86
N ARG B 134 8.00 18.52 5.93
CA ARG B 134 6.96 18.09 5.02
C ARG B 134 6.90 16.59 5.07
N GLY B 135 6.94 16.06 6.27
CA GLY B 135 7.17 14.64 6.44
C GLY B 135 5.93 13.80 6.27
N SER B 136 5.91 12.67 6.97
CA SER B 136 4.82 11.71 6.88
C SER B 136 4.58 11.02 8.22
N VAL B 137 3.34 10.62 8.47
CA VAL B 137 2.93 9.89 9.65
C VAL B 137 2.53 8.51 9.18
N VAL B 138 3.03 7.45 9.82
CA VAL B 138 2.44 6.14 9.60
C VAL B 138 2.03 5.47 10.90
N PHE B 139 0.73 5.50 11.15
CA PHE B 139 0.15 4.81 12.31
C PHE B 139 0.15 3.31 12.06
N THR B 140 0.42 2.51 13.09
CA THR B 140 0.23 1.06 13.02
C THR B 140 -1.20 0.71 13.34
N ILE B 141 -1.90 0.03 12.45
CA ILE B 141 -3.27 -0.37 12.74
C ILE B 141 -3.26 -1.84 13.15
N SER B 142 -3.98 -2.69 12.43
CA SER B 142 -4.16 -4.08 12.84
C SER B 142 -5.26 -4.63 11.98
N ASN B 143 -5.31 -5.93 11.79
CA ASN B 143 -6.50 -6.54 11.19
C ASN B 143 -7.76 -6.16 11.98
N ALA B 144 -7.57 -5.96 13.28
CA ALA B 144 -8.65 -5.60 14.22
C ALA B 144 -9.21 -4.18 14.00
N GLY B 145 -8.55 -3.44 13.09
CA GLY B 145 -9.00 -2.14 12.62
C GLY B 145 -9.94 -2.27 11.43
N PHE B 146 -10.19 -3.51 10.98
CA PHE B 146 -11.05 -3.78 9.82
C PHE B 146 -12.00 -4.95 10.04
N TYR B 147 -11.53 -6.03 10.67
CA TYR B 147 -12.36 -7.25 10.80
C TYR B 147 -12.54 -7.63 12.27
N PRO B 148 -13.66 -8.27 12.62
CA PRO B 148 -13.86 -8.74 14.00
C PRO B 148 -12.84 -9.83 14.39
N ASN B 149 -12.82 -10.23 15.67
CA ASN B 149 -12.11 -11.46 16.14
C ASN B 149 -10.59 -11.36 16.27
N GLY B 150 -10.05 -10.13 16.29
CA GLY B 150 -8.65 -9.91 16.59
C GLY B 150 -8.47 -9.14 17.88
N GLY B 151 -9.54 -9.04 18.65
CA GLY B 151 -9.54 -8.36 19.94
C GLY B 151 -11.00 -8.30 20.34
N GLY B 152 -11.31 -8.04 21.62
CA GLY B 152 -12.70 -7.86 22.05
C GLY B 152 -13.25 -6.51 21.54
N PRO B 153 -14.36 -6.03 22.11
CA PRO B 153 -14.90 -4.73 21.72
C PRO B 153 -13.94 -3.56 21.94
N LEU B 154 -13.18 -3.58 23.04
CA LEU B 154 -12.26 -2.49 23.39
C LEU B 154 -11.13 -2.33 22.40
N TYR B 155 -10.39 -3.40 22.17
CA TYR B 155 -9.31 -3.34 21.20
C TYR B 155 -9.76 -2.99 19.77
N THR B 156 -10.76 -3.71 19.27
CA THR B 156 -11.23 -3.57 17.89
C THR B 156 -11.69 -2.13 17.64
N ALA B 157 -12.43 -1.55 18.61
CA ALA B 157 -12.90 -0.19 18.48
C ALA B 157 -11.72 0.77 18.52
N THR B 158 -10.64 0.43 19.27
CA THR B 158 -9.44 1.29 19.29
C THR B 158 -8.74 1.31 17.96
N LYS B 159 -8.72 0.16 17.28
CA LYS B 159 -8.03 0.04 16.02
C LYS B 159 -8.90 0.50 14.85
N HIS B 160 -10.22 0.38 14.95
CA HIS B 160 -11.11 1.11 14.01
C HIS B 160 -10.97 2.62 14.17
N ALA B 161 -10.93 3.09 15.42
CA ALA B 161 -10.69 4.49 15.75
C ALA B 161 -9.45 5.11 15.07
N VAL B 162 -8.32 4.40 15.05
CA VAL B 162 -7.14 4.87 14.30
C VAL B 162 -7.22 4.91 12.77
N VAL B 163 -8.07 4.05 12.21
CA VAL B 163 -8.45 4.15 10.80
C VAL B 163 -8.99 5.58 10.64
N GLY B 164 -9.77 6.08 11.62
CA GLY B 164 -10.30 7.44 11.55
C GLY B 164 -9.31 8.59 11.64
N LEU B 165 -8.19 8.38 12.34
CA LEU B 165 -7.17 9.39 12.53
C LEU B 165 -6.39 9.47 11.24
N VAL B 166 -6.17 8.31 10.60
CA VAL B 166 -5.55 8.27 9.26
C VAL B 166 -6.26 9.24 8.33
N ARG B 167 -7.56 9.08 8.18
CA ARG B 167 -8.34 9.86 7.18
C ARG B 167 -8.48 11.32 7.59
N GLN B 168 -8.82 11.57 8.85
CA GLN B 168 -8.95 12.94 9.34
C GLN B 168 -7.61 13.66 9.43
N MET B 169 -6.54 12.96 9.82
CA MET B 169 -5.18 13.59 9.81
C MET B 169 -4.58 13.74 8.40
N ALA B 170 -4.83 12.77 7.49
CA ALA B 170 -4.59 12.98 6.05
C ALA B 170 -5.21 14.32 5.59
N PHE B 171 -6.50 14.49 5.88
CA PHE B 171 -7.23 15.68 5.46
C PHE B 171 -6.59 16.93 6.08
N GLU B 172 -6.47 16.89 7.40
CA GLU B 172 -6.04 18.03 8.18
C GLU B 172 -4.59 18.43 8.01
N LEU B 173 -3.73 17.46 7.78
CA LEU B 173 -2.32 17.79 7.69
C LEU B 173 -1.92 18.11 6.27
N ALA B 174 -2.80 17.90 5.30
CA ALA B 174 -2.57 18.21 3.87
C ALA B 174 -2.51 19.74 3.58
N PRO B 175 -1.71 20.18 2.59
CA PRO B 175 -0.92 19.36 1.69
C PRO B 175 0.52 19.10 2.20
N HIS B 176 0.82 19.42 3.45
CA HIS B 176 2.20 19.36 3.95
C HIS B 176 2.69 17.99 4.45
N VAL B 177 1.85 17.31 5.21
CA VAL B 177 2.23 16.08 5.88
C VAL B 177 1.26 14.99 5.37
N ARG B 178 1.83 13.90 4.88
CA ARG B 178 1.02 12.78 4.41
C ARG B 178 0.82 11.83 5.59
N VAL B 179 -0.34 11.20 5.62
CA VAL B 179 -0.73 10.35 6.71
C VAL B 179 -1.30 9.06 6.14
N ASN B 180 -0.72 7.93 6.56
CA ASN B 180 -1.20 6.66 6.12
C ASN B 180 -1.23 5.66 7.25
N GLY B 181 -1.89 4.53 7.04
CA GLY B 181 -1.92 3.50 8.05
C GLY B 181 -1.45 2.18 7.49
N VAL B 182 -0.64 1.46 8.27
CA VAL B 182 -0.25 0.07 7.94
C VAL B 182 -1.05 -0.78 8.89
N ALA B 183 -1.66 -1.83 8.35
CA ALA B 183 -2.45 -2.69 9.22
C ALA B 183 -1.87 -4.12 9.20
N PRO B 184 -0.95 -4.42 10.15
CA PRO B 184 -0.30 -5.74 10.29
C PRO B 184 -1.19 -6.72 11.01
N GLY B 185 -1.07 -7.99 10.72
CA GLY B 185 -1.78 -9.05 11.42
C GLY B 185 -0.95 -10.28 11.17
N GLY B 186 -1.23 -11.40 11.81
CA GLY B 186 -0.44 -12.56 11.50
C GLY B 186 0.89 -12.62 12.24
N MET B 187 1.23 -11.55 12.95
CA MET B 187 2.44 -11.52 13.78
C MET B 187 2.16 -12.37 15.01
N ASN B 188 3.21 -12.72 15.71
CA ASN B 188 3.05 -13.34 17.03
C ASN B 188 3.76 -12.50 18.12
N THR B 189 3.54 -11.19 18.08
CA THR B 189 4.25 -10.28 18.99
C THR B 189 3.77 -10.52 20.41
N ASP B 190 4.59 -10.13 21.41
CA ASP B 190 4.25 -10.34 22.81
C ASP B 190 3.27 -9.27 23.26
N LEU B 191 2.21 -9.07 22.48
CA LEU B 191 1.28 -8.01 22.74
C LEU B 191 0.53 -8.32 24.04
N ARG B 192 0.61 -7.38 24.97
CA ARG B 192 0.11 -7.56 26.33
C ARG B 192 -1.12 -6.67 26.49
N GLY B 193 -1.66 -6.68 27.70
CA GLY B 193 -2.86 -5.91 28.00
C GLY B 193 -2.79 -5.15 29.31
N PRO B 194 -3.88 -4.45 29.67
CA PRO B 194 -3.81 -3.56 30.80
C PRO B 194 -3.96 -4.33 32.12
N SER B 195 -3.66 -3.64 33.22
CA SER B 195 -3.70 -4.18 34.58
C SER B 195 -5.09 -4.75 34.85
N SER B 196 -6.10 -3.94 34.52
CA SER B 196 -7.55 -4.26 34.54
C SER B 196 -7.96 -5.71 34.21
N LEU B 197 -7.13 -6.41 33.43
CA LEU B 197 -7.40 -7.79 33.01
C LEU B 197 -6.30 -8.77 33.45
N GLY B 198 -6.70 -10.00 33.77
CA GLY B 198 -5.75 -11.06 34.13
C GLY B 198 -5.78 -12.26 33.18
N SER B 206 -9.07 -16.76 21.78
CA SER B 206 -7.69 -16.49 22.22
C SER B 206 -6.78 -17.72 22.04
N VAL B 207 -7.18 -18.64 21.16
CA VAL B 207 -6.34 -19.80 20.79
C VAL B 207 -5.23 -19.35 19.80
N PRO B 208 -3.98 -19.87 19.97
CA PRO B 208 -2.81 -19.36 19.23
C PRO B 208 -2.98 -19.27 17.70
N LEU B 209 -2.22 -18.36 17.07
CA LEU B 209 -2.29 -18.20 15.62
C LEU B 209 -1.85 -19.45 14.87
N ALA B 210 -0.90 -20.19 15.45
CA ALA B 210 -0.44 -21.47 14.91
C ALA B 210 -1.57 -22.49 14.80
N ASP B 211 -2.45 -22.48 15.80
CA ASP B 211 -3.56 -23.43 15.92
C ASP B 211 -4.69 -23.20 14.92
N MET B 212 -4.71 -22.04 14.29
CA MET B 212 -5.85 -21.66 13.43
C MET B 212 -5.44 -21.07 12.06
N LEU B 213 -4.19 -21.26 11.67
CA LEU B 213 -3.61 -20.55 10.52
C LEU B 213 -4.26 -20.84 9.14
N LYS B 214 -4.81 -22.03 8.98
CA LYS B 214 -5.34 -22.51 7.70
C LYS B 214 -6.74 -21.96 7.40
N SER B 215 -7.38 -21.43 8.43
CA SER B 215 -8.69 -20.82 8.33
C SER B 215 -8.53 -19.29 8.25
N VAL B 216 -7.29 -18.82 8.40
CA VAL B 216 -7.00 -17.42 8.73
C VAL B 216 -6.05 -16.69 7.75
N LEU B 217 -4.89 -17.30 7.41
CA LEU B 217 -3.87 -16.65 6.56
C LEU B 217 -3.73 -17.30 5.22
N PRO B 218 -4.40 -16.73 4.20
CA PRO B 218 -4.10 -17.21 2.84
C PRO B 218 -2.59 -17.44 2.52
N ILE B 219 -1.68 -16.61 3.05
CA ILE B 219 -0.22 -16.78 2.74
C ILE B 219 0.35 -18.13 3.24
N GLY B 220 -0.39 -18.80 4.12
CA GLY B 220 0.04 -20.11 4.57
C GLY B 220 1.35 -20.18 5.32
N ARG B 221 1.70 -19.11 6.03
CA ARG B 221 2.95 -19.06 6.74
C ARG B 221 2.92 -17.89 7.72
N MET B 222 3.78 -17.95 8.73
CA MET B 222 3.94 -16.88 9.68
C MET B 222 5.20 -16.07 9.36
N PRO B 223 5.02 -14.86 8.83
CA PRO B 223 6.13 -13.99 8.53
C PRO B 223 6.88 -13.51 9.77
N ALA B 224 8.21 -13.48 9.69
CA ALA B 224 9.01 -12.90 10.76
C ALA B 224 8.69 -11.39 10.81
N LEU B 225 8.72 -10.83 12.01
CA LEU B 225 8.61 -9.39 12.25
C LEU B 225 9.28 -8.50 11.18
N GLU B 226 10.58 -8.72 10.99
CA GLU B 226 11.36 -8.06 9.92
C GLU B 226 10.63 -8.01 8.56
N GLU B 227 9.76 -8.97 8.28
CA GLU B 227 8.97 -8.97 7.04
C GLU B 227 7.85 -7.92 7.03
N TYR B 228 7.50 -7.36 8.20
CA TYR B 228 6.47 -6.30 8.32
C TYR B 228 7.03 -4.86 8.23
N THR B 229 8.34 -4.74 8.08
CA THR B 229 8.97 -3.44 8.10
C THR B 229 8.90 -2.65 6.79
N GLY B 230 8.77 -3.37 5.66
CA GLY B 230 8.96 -2.78 4.30
C GLY B 230 7.95 -1.71 3.93
N ALA B 231 6.72 -1.88 4.40
CA ALA B 231 5.61 -0.99 4.10
C ALA B 231 5.79 0.35 4.74
N TYR B 232 6.46 0.35 5.88
CA TYR B 232 6.74 1.56 6.65
C TYR B 232 7.84 2.36 5.96
N VAL B 233 8.90 1.65 5.58
CA VAL B 233 9.99 2.19 4.74
C VAL B 233 9.43 2.85 3.47
N PHE B 234 8.51 2.15 2.82
CA PHE B 234 7.86 2.66 1.62
C PHE B 234 7.17 3.98 1.91
N PHE B 235 6.34 4.03 2.97
CA PHE B 235 5.49 5.22 3.28
C PHE B 235 6.33 6.40 3.82
N ALA B 236 7.55 6.09 4.26
CA ALA B 236 8.57 7.03 4.74
C ALA B 236 9.57 7.45 3.65
N THR B 237 9.58 6.74 2.52
CA THR B 237 10.39 7.10 1.36
C THR B 237 9.57 8.09 0.50
N ARG B 238 9.94 9.37 0.50
CA ARG B 238 9.16 10.42 -0.18
C ARG B 238 9.13 10.27 -1.72
N GLY B 239 10.21 9.74 -2.29
CA GLY B 239 10.29 9.48 -3.74
C GLY B 239 9.46 8.31 -4.27
N ASP B 240 8.94 7.46 -3.37
CA ASP B 240 8.14 6.27 -3.72
C ASP B 240 6.67 6.34 -3.32
N SER B 241 6.39 6.97 -2.18
CA SER B 241 5.03 7.05 -1.58
C SER B 241 4.31 8.42 -1.60
N LEU B 242 4.77 9.33 -2.43
CA LEU B 242 4.24 10.71 -2.49
C LEU B 242 2.74 10.83 -2.85
N PRO B 243 2.27 10.02 -3.84
CA PRO B 243 0.83 10.00 -4.19
C PRO B 243 -0.13 9.56 -3.05
N ALA B 244 0.43 8.92 -2.03
CA ALA B 244 -0.34 8.21 -1.07
C ALA B 244 -0.48 9.05 0.16
N THR B 245 -1.70 9.53 0.40
CA THR B 245 -2.12 10.06 1.70
C THR B 245 -3.57 9.61 2.01
N GLY B 246 -3.82 9.28 3.27
CA GLY B 246 -5.06 8.64 3.70
C GLY B 246 -5.13 7.14 3.45
N ALA B 247 -4.06 6.55 2.91
CA ALA B 247 -4.07 5.14 2.47
C ALA B 247 -4.11 4.09 3.59
N LEU B 248 -4.62 2.91 3.28
CA LEU B 248 -4.69 1.82 4.28
C LEU B 248 -4.21 0.56 3.60
N LEU B 249 -3.10 0.06 4.14
CA LEU B 249 -2.42 -1.07 3.61
C LEU B 249 -2.66 -2.21 4.55
N ASN B 250 -3.60 -3.06 4.15
CA ASN B 250 -3.80 -4.36 4.78
C ASN B 250 -2.57 -5.23 4.55
N TYR B 251 -2.00 -5.70 5.67
CA TYR B 251 -0.64 -6.23 5.74
C TYR B 251 -0.72 -7.40 6.73
N ASP B 252 -1.69 -8.27 6.49
CA ASP B 252 -2.04 -9.29 7.47
C ASP B 252 -2.05 -10.72 6.91
N GLY B 253 -1.44 -10.88 5.74
CA GLY B 253 -1.39 -12.17 5.11
C GLY B 253 -2.63 -12.57 4.36
N GLY B 254 -3.49 -11.61 4.10
CA GLY B 254 -4.72 -11.86 3.38
C GLY B 254 -5.97 -12.21 4.18
N MET B 255 -5.99 -11.86 5.48
CA MET B 255 -7.11 -12.22 6.39
C MET B 255 -8.50 -11.87 5.88
N GLY B 256 -8.59 -10.73 5.22
CA GLY B 256 -9.83 -10.25 4.66
C GLY B 256 -10.15 -10.78 3.26
N VAL B 257 -9.25 -11.58 2.69
CA VAL B 257 -9.48 -12.23 1.39
C VAL B 257 -9.41 -13.75 1.52
N ARG B 258 -9.68 -14.24 2.72
CA ARG B 258 -9.69 -15.67 2.98
C ARG B 258 -11.01 -16.33 2.62
N GLY B 259 -10.94 -17.62 2.36
CA GLY B 259 -12.12 -18.42 2.05
C GLY B 259 -12.95 -18.81 3.24
N PHE B 260 -14.12 -19.34 2.94
CA PHE B 260 -15.03 -19.77 3.96
C PHE B 260 -14.46 -21.02 4.66
N LEU B 261 -14.09 -22.04 3.88
CA LEU B 261 -13.67 -23.33 4.44
C LEU B 261 -12.16 -23.48 4.69
N THR B 262 -11.36 -22.74 3.91
CA THR B 262 -9.91 -22.67 3.99
C THR B 262 -9.54 -21.23 3.63
N ALA B 263 -8.43 -20.78 4.21
CA ALA B 263 -7.96 -19.47 3.95
C ALA B 263 -7.57 -19.33 2.49
N ALA B 264 -6.89 -20.34 1.97
CA ALA B 264 -6.33 -20.30 0.65
C ALA B 264 -7.09 -21.27 -0.25
N GLY B 265 -7.21 -20.97 -1.55
CA GLY B 265 -7.91 -21.87 -2.50
C GLY B 265 -7.07 -22.55 -3.58
N GLY B 266 -5.77 -22.28 -3.62
CA GLY B 266 -4.91 -22.88 -4.63
C GLY B 266 -3.76 -23.67 -4.06
N ALA B 267 -3.99 -24.39 -2.98
CA ALA B 267 -2.98 -25.27 -2.35
C ALA B 267 -2.44 -26.33 -3.34
N ASP B 268 -3.32 -26.83 -4.19
CA ASP B 268 -2.95 -27.87 -5.14
C ASP B 268 -2.68 -27.33 -6.53
N LEU B 269 -2.33 -26.05 -6.64
CA LEU B 269 -1.88 -25.47 -7.90
C LEU B 269 -0.64 -26.14 -8.55
N PRO B 270 0.50 -26.24 -7.83
CA PRO B 270 1.70 -26.82 -8.48
C PRO B 270 1.42 -28.17 -9.10
N GLU B 271 0.72 -29.01 -8.36
CA GLU B 271 0.36 -30.32 -8.86
C GLU B 271 -0.66 -30.22 -10.01
N LYS B 272 -1.48 -29.16 -10.00
CA LYS B 272 -2.53 -28.94 -11.00
C LYS B 272 -1.93 -28.39 -12.30
N LEU B 273 -0.99 -27.46 -12.17
CA LEU B 273 -0.36 -26.86 -13.34
C LEU B 273 0.90 -27.62 -13.81
N ASN B 274 1.18 -28.76 -13.17
CA ASN B 274 2.34 -29.58 -13.51
C ASN B 274 3.66 -28.83 -13.29
N ILE B 275 3.77 -28.14 -12.14
CA ILE B 275 4.94 -27.33 -11.81
C ILE B 275 5.92 -28.16 -10.98
N ASN B 276 6.24 -29.29 -11.36
PA NAD C . -1.60 4.90 -21.77
O1A NAD C . -2.52 4.73 -22.93
O2A NAD C . -0.56 5.97 -21.86
O5B NAD C . -0.97 3.47 -21.42
C5B NAD C . -1.79 2.29 -21.59
C4B NAD C . -1.16 1.29 -22.56
O4B NAD C . -2.13 0.23 -22.82
C3B NAD C . -0.78 1.86 -23.96
O3B NAD C . 0.62 1.65 -24.30
C2B NAD C . -1.62 1.01 -24.91
O2B NAD C . -0.85 0.80 -26.11
C1B NAD C . -1.82 -0.29 -24.12
N9A NAD C . -3.00 -1.04 -24.59
C8A NAD C . -4.27 -0.57 -24.64
N7A NAD C . -5.09 -1.48 -25.13
C5A NAD C . -4.36 -2.55 -25.40
C6A NAD C . -4.68 -3.79 -25.94
N6A NAD C . -5.93 -4.10 -26.27
N1A NAD C . -3.68 -4.67 -26.09
C2A NAD C . -2.43 -4.39 -25.76
N3A NAD C . -2.09 -3.21 -25.26
C4A NAD C . -3.03 -2.28 -25.07
O3 NAD C . -2.56 5.11 -20.45
PN NAD C . -2.19 4.76 -18.94
O1N NAD C . -2.89 5.71 -18.11
O2N NAD C . -0.69 4.60 -18.88
O5D NAD C . -2.87 3.32 -18.69
C5D NAD C . -2.30 2.41 -17.79
C4D NAD C . -3.33 1.97 -16.73
O4D NAD C . -3.52 3.01 -15.69
C3D NAD C . -4.75 1.58 -17.18
O3D NAD C . -5.10 0.39 -16.45
C2D NAD C . -5.56 2.80 -16.71
O2D NAD C . -6.97 2.63 -16.56
C1D NAD C . -4.93 2.94 -15.35
N1N NAD C . -5.17 4.25 -14.79
C2N NAD C . -4.94 5.42 -15.59
C3N NAD C . -5.16 6.66 -14.96
C7N NAD C . -4.93 7.97 -15.72
O7N NAD C . -5.45 9.04 -15.33
N7N NAD C . -4.11 7.86 -16.79
C4N NAD C . -5.58 6.72 -13.61
C5N NAD C . -5.79 5.56 -12.86
C6N NAD C . -5.59 4.31 -13.44
CK1 BPY D . -9.05 9.77 -15.55
CK2 BPY D . -9.44 9.80 -14.20
CK3 BPY D . -9.28 8.63 -13.47
CK4 BPY D . -8.75 7.50 -14.06
CK5 BPY D . -8.37 7.48 -15.39
CK6 BPY D . -8.52 8.62 -16.15
CK7 BPY D . -9.98 11.00 -13.68
CK8 BPY D . -10.11 12.12 -14.51
CK9 BPY D . -10.64 13.31 -14.03
CKA BPY D . -11.06 13.40 -12.70
CKB BPY D . -10.92 12.31 -11.85
CKC BPY D . -10.39 11.10 -12.35
OK1 BPY D . -8.58 6.37 -13.34
OK2 BPY D . -9.65 8.58 -12.16
PA NAD E . 4.71 -5.31 21.60
O1A NAD E . 4.12 -5.26 22.97
O2A NAD E . 5.74 -6.31 21.30
O5B NAD E . 5.19 -3.86 21.30
C5B NAD E . 4.55 -2.77 21.99
C4B NAD E . 5.62 -1.79 22.44
O4B NAD E . 4.84 -0.63 22.85
C3B NAD E . 6.47 -2.29 23.67
O3B NAD E . 7.87 -1.92 23.50
C2B NAD E . 5.78 -1.56 24.87
O2B NAD E . 6.65 -1.36 26.02
C1B NAD E . 5.35 -0.23 24.17
N9A NAD E . 4.33 0.38 24.90
C8A NAD E . 3.19 -0.21 25.28
N7A NAD E . 2.46 0.64 25.98
C5A NAD E . 3.15 1.81 26.04
C6A NAD E . 2.90 3.07 26.62
N6A NAD E . 1.76 3.28 27.31
N1A NAD E . 3.84 4.06 26.50
C2A NAD E . 4.97 3.83 25.84
N3A NAD E . 5.22 2.65 25.26
C4A NAD E . 4.35 1.63 25.35
O3 NAD E . 3.52 -5.43 20.49
PN NAD E . 3.52 -5.03 18.95
O1N NAD E . 2.50 -5.92 18.40
O2N NAD E . 4.85 -4.97 18.33
O5D NAD E . 2.88 -3.62 18.95
C5D NAD E . 3.17 -2.71 17.92
C4D NAD E . 1.93 -2.33 17.23
O4D NAD E . 1.57 -3.51 16.47
C3D NAD E . 0.76 -2.06 18.22
O3D NAD E . -0.02 -0.89 17.82
C2D NAD E . -0.08 -3.33 18.14
O2D NAD E . -1.42 -2.97 18.44
C1D NAD E . 0.13 -3.65 16.65
N1N NAD E . -0.33 -4.92 16.02
C2N NAD E . -0.12 -6.25 16.48
C3N NAD E . -0.67 -7.31 15.73
C7N NAD E . -0.55 -8.80 16.04
O7N NAD E . -0.67 -9.62 15.14
N7N NAD E . -0.29 -9.09 17.34
C4N NAD E . -1.38 -7.06 14.56
C5N NAD E . -1.57 -5.76 14.13
C6N NAD E . -1.04 -4.70 14.84
#